data_2GSC
#
_entry.id   2GSC
#
_cell.length_a   87.794
_cell.length_b   104.257
_cell.length_c   66.489
_cell.angle_alpha   90.00
_cell.angle_beta   90.00
_cell.angle_gamma   90.00
#
_symmetry.space_group_name_H-M   'P 21 21 2'
#
loop_
_entity.id
_entity.type
_entity.pdbx_description
1 polymer 'Putative uncharacterized protein XCC0516'
2 water water
#
_entity_poly.entity_id   1
_entity_poly.type   'polypeptide(L)'
_entity_poly.pdbx_seq_one_letter_code
;MENRESAQRPHERLDAWRDSMELVEMIYRLTEVFPDQERYGLTAQLRRAAVSIPSNIAEGAARRSTPDYSRFLSIARGSL
SELDTQVQIAARLGYSRSEDDQSVRRQVDLVFAKLTALMNALRRRGAA
;
_entity_poly.pdbx_strand_id   A,B,C,D,E
#
# COMPACT_ATOMS: atom_id res chain seq x y z
N ARG A 9 -24.74 -15.80 -8.17
CA ARG A 9 -24.05 -14.47 -8.06
C ARG A 9 -25.00 -13.34 -8.48
N PRO A 10 -25.45 -12.52 -7.50
CA PRO A 10 -26.53 -11.55 -7.76
C PRO A 10 -26.03 -10.32 -8.51
N HIS A 11 -24.84 -9.85 -8.16
CA HIS A 11 -24.27 -8.68 -8.80
C HIS A 11 -24.14 -8.86 -10.30
N GLU A 12 -23.94 -10.10 -10.73
CA GLU A 12 -23.70 -10.43 -12.15
C GLU A 12 -24.89 -10.11 -13.06
N ARG A 13 -26.06 -9.95 -12.46
CA ARG A 13 -27.27 -9.54 -13.18
C ARG A 13 -27.38 -8.02 -13.34
N LEU A 14 -26.62 -7.26 -12.55
CA LEU A 14 -26.67 -5.80 -12.61
C LEU A 14 -25.97 -5.21 -13.84
N ASP A 15 -26.70 -4.34 -14.54
CA ASP A 15 -26.19 -3.57 -15.67
C ASP A 15 -24.93 -2.84 -15.27
N ALA A 16 -24.98 -2.21 -14.10
CA ALA A 16 -23.88 -1.44 -13.56
C ALA A 16 -22.62 -2.29 -13.43
N TRP A 17 -22.78 -3.55 -13.03
CA TRP A 17 -21.65 -4.46 -12.92
C TRP A 17 -21.13 -4.87 -14.29
N ARG A 18 -22.05 -5.23 -15.18
CA ARG A 18 -21.70 -5.67 -16.54
C ARG A 18 -20.96 -4.57 -17.30
N ASP A 19 -21.52 -3.37 -17.30
CA ASP A 19 -20.91 -2.23 -17.96
C ASP A 19 -19.58 -1.80 -17.29
N SER A 20 -19.44 -2.03 -15.99
CA SER A 20 -18.21 -1.65 -15.30
C SER A 20 -17.08 -2.65 -15.58
N MET A 21 -17.44 -3.93 -15.67
CA MET A 21 -16.53 -4.99 -16.07
C MET A 21 -16.01 -4.79 -17.48
N GLU A 22 -16.91 -4.46 -18.40
CA GLU A 22 -16.52 -4.09 -19.76
C GLU A 22 -15.56 -2.91 -19.72
N LEU A 23 -15.84 -1.93 -18.88
CA LEU A 23 -14.90 -0.81 -18.72
C LEU A 23 -13.50 -1.28 -18.28
N VAL A 24 -13.44 -2.18 -17.30
CA VAL A 24 -12.18 -2.69 -16.76
C VAL A 24 -11.37 -3.35 -17.87
N GLU A 25 -12.04 -4.13 -18.71
CA GLU A 25 -11.37 -4.76 -19.82
C GLU A 25 -10.76 -3.71 -20.75
N MET A 26 -11.50 -2.62 -21.01
CA MET A 26 -11.02 -1.54 -21.86
C MET A 26 -9.75 -0.89 -21.28
N ILE A 27 -9.72 -0.72 -19.96
CA ILE A 27 -8.57 -0.14 -19.27
C ILE A 27 -7.31 -0.98 -19.46
N TYR A 28 -7.38 -2.27 -19.13
CA TYR A 28 -6.25 -3.20 -19.30
C TYR A 28 -5.70 -3.20 -20.72
N ARG A 29 -6.62 -3.14 -21.68
CA ARG A 29 -6.26 -3.11 -23.09
C ARG A 29 -5.67 -1.75 -23.49
N LEU A 30 -6.19 -0.67 -22.90
CA LEU A 30 -5.60 0.66 -23.09
C LEU A 30 -4.17 0.71 -22.53
N THR A 31 -3.96 0.17 -21.33
CA THR A 31 -2.64 0.26 -20.67
C THR A 31 -1.55 -0.65 -21.26
N GLU A 32 -1.93 -1.49 -22.24
CA GLU A 32 -0.97 -2.39 -22.86
C GLU A 32 0.03 -1.66 -23.74
N VAL A 33 -0.41 -0.61 -24.44
CA VAL A 33 0.45 0.14 -25.35
C VAL A 33 1.10 1.37 -24.70
N PHE A 34 0.92 1.51 -23.39
CA PHE A 34 1.55 2.55 -22.58
C PHE A 34 3.05 2.32 -22.55
N PRO A 35 3.84 3.36 -22.24
CA PRO A 35 5.28 3.12 -22.17
C PRO A 35 5.55 2.09 -21.09
N ASP A 36 6.63 1.34 -21.24
CA ASP A 36 7.01 0.35 -20.25
C ASP A 36 7.64 0.98 -19.01
N GLN A 37 8.10 2.22 -19.16
CA GLN A 37 8.54 3.05 -18.04
C GLN A 37 7.43 3.13 -16.99
N GLU A 38 6.19 3.02 -17.45
CA GLU A 38 5.02 3.39 -16.68
C GLU A 38 4.25 2.21 -16.09
N ARG A 39 4.72 1.00 -16.35
CA ARG A 39 4.01 -0.22 -15.94
C ARG A 39 3.52 -0.23 -14.48
N TYR A 40 4.32 0.31 -13.57
CA TYR A 40 3.98 0.29 -12.14
C TYR A 40 3.58 1.68 -11.65
N GLY A 41 3.40 2.61 -12.58
CA GLY A 41 2.97 3.94 -12.23
C GLY A 41 1.51 4.14 -12.58
N LEU A 42 1.28 4.92 -13.63
CA LEU A 42 -0.06 5.20 -14.11
C LEU A 42 -0.79 3.92 -14.49
N THR A 43 -0.10 2.99 -15.17
CA THR A 43 -0.82 1.80 -15.63
C THR A 43 -1.30 0.94 -14.47
N ALA A 44 -0.46 0.73 -13.44
CA ALA A 44 -0.91 0.10 -12.20
C ALA A 44 -1.99 0.90 -11.45
N GLN A 45 -1.92 2.22 -11.50
CA GLN A 45 -2.93 3.06 -10.87
C GLN A 45 -4.27 3.01 -11.62
N LEU A 46 -4.22 3.06 -12.94
CA LEU A 46 -5.44 2.95 -13.73
C LEU A 46 -6.12 1.62 -13.45
N ARG A 47 -5.32 0.56 -13.38
CA ARG A 47 -5.83 -0.77 -13.20
C ARG A 47 -6.41 -1.02 -11.83
N ARG A 48 -5.82 -0.42 -10.79
CA ARG A 48 -6.33 -0.57 -9.44
C ARG A 48 -7.65 0.20 -9.26
N ALA A 49 -7.73 1.41 -9.80
CA ALA A 49 -8.97 2.18 -9.83
C ALA A 49 -10.12 1.46 -10.55
N ALA A 50 -9.82 0.90 -11.72
CA ALA A 50 -10.83 0.22 -12.55
C ALA A 50 -11.36 -1.04 -11.86
N VAL A 51 -10.45 -1.90 -11.42
CA VAL A 51 -10.81 -3.13 -10.73
C VAL A 51 -11.69 -2.85 -9.51
N SER A 52 -11.52 -1.69 -8.91
CA SER A 52 -12.23 -1.37 -7.67
C SER A 52 -13.72 -1.12 -7.90
N ILE A 53 -14.07 -0.63 -9.09
CA ILE A 53 -15.47 -0.36 -9.43
C ILE A 53 -16.40 -1.61 -9.38
N PRO A 54 -16.24 -2.60 -10.28
CA PRO A 54 -17.06 -3.82 -10.15
C PRO A 54 -16.91 -4.54 -8.82
N SER A 55 -15.68 -4.63 -8.30
CA SER A 55 -15.42 -5.30 -7.02
C SER A 55 -16.32 -4.82 -5.89
N ASN A 56 -16.44 -3.51 -5.78
CA ASN A 56 -17.24 -2.85 -4.77
C ASN A 56 -18.75 -3.00 -4.97
N ILE A 57 -19.21 -2.80 -6.20
CA ILE A 57 -20.57 -3.20 -6.59
C ILE A 57 -20.89 -4.64 -6.18
N ALA A 58 -20.01 -5.59 -6.53
CA ALA A 58 -20.20 -7.00 -6.17
C ALA A 58 -20.33 -7.18 -4.67
N GLU A 59 -19.49 -6.49 -3.91
CA GLU A 59 -19.55 -6.49 -2.47
C GLU A 59 -20.86 -5.92 -1.92
N GLY A 60 -21.35 -4.86 -2.57
CA GLY A 60 -22.59 -4.22 -2.16
C GLY A 60 -23.75 -5.19 -2.26
N ALA A 61 -23.88 -5.83 -3.42
CA ALA A 61 -24.98 -6.74 -3.71
C ALA A 61 -24.90 -8.04 -2.93
N ALA A 62 -23.99 -8.09 -1.95
CA ALA A 62 -23.87 -9.24 -1.07
C ALA A 62 -24.52 -8.97 0.30
N ARG A 63 -25.20 -7.83 0.40
CA ARG A 63 -25.75 -7.34 1.67
C ARG A 63 -27.29 -7.28 1.64
N ASP A 68 -25.79 0.35 3.66
CA ASP A 68 -24.68 -0.58 3.72
C ASP A 68 -24.30 -1.05 2.32
N TYR A 69 -25.32 -1.47 1.57
CA TYR A 69 -25.20 -1.73 0.14
C TYR A 69 -24.83 -0.41 -0.56
N SER A 70 -25.48 0.67 -0.14
CA SER A 70 -25.22 2.02 -0.64
C SER A 70 -23.79 2.49 -0.43
N ARG A 71 -23.25 2.27 0.77
CA ARG A 71 -21.86 2.64 1.07
C ARG A 71 -20.86 2.02 0.08
N PHE A 72 -21.04 0.74 -0.25
CA PHE A 72 -20.20 0.08 -1.23
C PHE A 72 -20.30 0.67 -2.62
N LEU A 73 -21.50 1.08 -3.01
CA LEU A 73 -21.69 1.71 -4.31
C LEU A 73 -21.08 3.14 -4.34
N SER A 74 -21.12 3.82 -3.19
CA SER A 74 -20.47 5.11 -3.01
C SER A 74 -18.95 5.01 -3.25
N ILE A 75 -18.34 3.96 -2.70
CA ILE A 75 -16.91 3.68 -2.91
C ILE A 75 -16.61 3.43 -4.40
N ALA A 76 -17.48 2.65 -5.04
CA ALA A 76 -17.37 2.36 -6.48
C ALA A 76 -17.44 3.64 -7.32
N ARG A 77 -18.32 4.55 -6.94
CA ARG A 77 -18.47 5.80 -7.67
C ARG A 77 -17.30 6.73 -7.50
N GLY A 78 -16.65 6.68 -6.33
CA GLY A 78 -15.40 7.40 -6.12
C GLY A 78 -14.24 6.87 -6.94
N SER A 79 -14.18 5.54 -7.09
CA SER A 79 -13.14 4.90 -7.87
C SER A 79 -13.31 5.27 -9.35
N LEU A 80 -14.56 5.40 -9.78
CA LEU A 80 -14.91 5.82 -11.14
C LEU A 80 -14.30 7.18 -11.46
N SER A 81 -14.48 8.13 -10.53
CA SER A 81 -13.91 9.46 -10.59
C SER A 81 -12.38 9.48 -10.59
N GLU A 82 -11.79 8.64 -9.74
CA GLU A 82 -10.33 8.49 -9.72
C GLU A 82 -9.85 7.97 -11.09
N LEU A 83 -10.57 6.99 -11.62
CA LEU A 83 -10.25 6.43 -12.93
C LEU A 83 -10.35 7.52 -13.97
N ASP A 84 -11.48 8.24 -13.96
CA ASP A 84 -11.69 9.30 -14.92
C ASP A 84 -10.59 10.35 -14.87
N THR A 85 -10.11 10.69 -13.68
CA THR A 85 -9.00 11.63 -13.53
C THR A 85 -7.69 11.05 -14.10
N GLN A 86 -7.45 9.77 -13.85
CA GLN A 86 -6.21 9.14 -14.32
C GLN A 86 -6.22 8.86 -15.83
N VAL A 87 -7.41 8.66 -16.38
CA VAL A 87 -7.58 8.55 -17.82
C VAL A 87 -7.22 9.90 -18.46
N GLN A 88 -7.67 10.99 -17.84
CA GLN A 88 -7.32 12.32 -18.36
C GLN A 88 -5.81 12.60 -18.34
N ILE A 89 -5.14 12.15 -17.28
CA ILE A 89 -3.70 12.31 -17.17
C ILE A 89 -3.00 11.54 -18.30
N ALA A 90 -3.44 10.31 -18.53
CA ALA A 90 -3.00 9.50 -19.67
C ALA A 90 -3.14 10.27 -20.98
N ALA A 91 -4.32 10.86 -21.20
CA ALA A 91 -4.58 11.65 -22.40
C ALA A 91 -3.58 12.81 -22.50
N ARG A 92 -3.44 13.58 -21.43
CA ARG A 92 -2.56 14.75 -21.44
C ARG A 92 -1.08 14.39 -21.59
N LEU A 93 -0.68 13.21 -21.12
CA LEU A 93 0.72 12.80 -21.21
C LEU A 93 1.08 12.19 -22.57
N GLY A 94 0.08 12.06 -23.44
CA GLY A 94 0.29 11.52 -24.78
C GLY A 94 0.32 10.01 -24.86
N TYR A 95 -0.18 9.32 -23.83
CA TYR A 95 -0.13 7.85 -23.78
C TYR A 95 -1.33 7.21 -24.47
N SER A 96 -2.33 8.00 -24.77
CA SER A 96 -3.52 7.51 -25.45
C SER A 96 -3.89 8.37 -26.64
N ARG A 97 -4.30 7.72 -27.72
CA ARG A 97 -4.82 8.42 -28.90
C ARG A 97 -6.32 8.67 -28.76
N SER A 98 -6.75 9.85 -29.22
CA SER A 98 -8.16 10.29 -29.24
C SER A 98 -9.22 9.19 -29.30
N GLU A 99 -9.19 8.40 -30.38
CA GLU A 99 -10.16 7.32 -30.61
C GLU A 99 -10.34 6.39 -29.40
N ASP A 100 -9.24 6.13 -28.69
CA ASP A 100 -9.29 5.28 -27.50
C ASP A 100 -9.69 6.09 -26.26
N ASP A 101 -9.22 7.33 -26.17
CA ASP A 101 -9.62 8.24 -25.11
C ASP A 101 -11.12 8.43 -25.11
N GLN A 102 -11.71 8.64 -26.28
CA GLN A 102 -13.16 8.84 -26.42
C GLN A 102 -13.96 7.60 -26.05
N SER A 103 -13.53 6.43 -26.53
CA SER A 103 -14.17 5.15 -26.18
C SER A 103 -14.29 4.96 -24.66
N VAL A 104 -13.19 5.24 -23.95
CA VAL A 104 -13.15 5.07 -22.50
C VAL A 104 -14.01 6.11 -21.78
N ARG A 105 -13.93 7.36 -22.21
CA ARG A 105 -14.77 8.42 -21.66
C ARG A 105 -16.25 8.11 -21.76
N ARG A 106 -16.72 7.66 -22.94
CA ARG A 106 -18.13 7.33 -23.13
C ARG A 106 -18.53 6.19 -22.20
N GLN A 107 -17.68 5.17 -22.13
CA GLN A 107 -17.92 4.02 -21.26
C GLN A 107 -17.98 4.42 -19.78
N VAL A 108 -17.13 5.36 -19.38
CA VAL A 108 -17.14 5.94 -18.04
C VAL A 108 -18.48 6.64 -17.75
N ASP A 109 -18.99 7.39 -18.74
CA ASP A 109 -20.29 8.07 -18.62
C ASP A 109 -21.42 7.04 -18.52
N LEU A 110 -21.33 5.99 -19.32
CA LEU A 110 -22.27 4.88 -19.22
C LEU A 110 -22.28 4.26 -17.82
N VAL A 111 -21.11 3.86 -17.30
CA VAL A 111 -21.01 3.31 -15.94
C VAL A 111 -21.56 4.27 -14.88
N PHE A 112 -21.27 5.56 -15.01
CA PHE A 112 -21.81 6.57 -14.10
C PHE A 112 -23.33 6.58 -14.06
N ALA A 113 -23.96 6.54 -15.23
CA ALA A 113 -25.41 6.56 -15.32
C ALA A 113 -26.02 5.33 -14.67
N LYS A 114 -25.47 4.15 -14.99
CA LYS A 114 -26.04 2.90 -14.50
C LYS A 114 -25.86 2.77 -12.99
N LEU A 115 -24.76 3.33 -12.50
CA LEU A 115 -24.41 3.22 -11.09
C LEU A 115 -25.24 4.20 -10.24
N THR A 116 -25.52 5.40 -10.75
CA THR A 116 -26.31 6.35 -9.98
C THR A 116 -27.78 5.97 -9.99
N ALA A 117 -28.26 5.47 -11.13
CA ALA A 117 -29.62 4.91 -11.22
C ALA A 117 -29.81 3.74 -10.25
N LEU A 118 -28.74 2.99 -10.02
CA LEU A 118 -28.80 1.91 -9.04
C LEU A 118 -28.74 2.46 -7.61
N MET A 119 -27.84 3.41 -7.37
CA MET A 119 -27.72 4.04 -6.06
C MET A 119 -29.03 4.72 -5.66
N ASN A 120 -29.64 5.44 -6.62
CA ASN A 120 -30.93 6.15 -6.43
C ASN A 120 -32.12 5.24 -6.11
N ALA A 121 -32.14 4.05 -6.70
CA ALA A 121 -33.22 3.11 -6.45
C ALA A 121 -33.03 2.45 -5.09
N LEU A 122 -31.79 2.36 -4.64
CA LEU A 122 -31.51 1.81 -3.33
C LEU A 122 -31.91 2.75 -2.20
N ARG A 123 -31.65 4.04 -2.38
CA ARG A 123 -32.03 5.08 -1.43
C ARG A 123 -33.54 5.24 -1.29
N ARG A 124 -34.28 4.99 -2.37
CA ARG A 124 -35.75 5.04 -2.34
C ARG A 124 -36.32 3.76 -1.73
N ARG A 125 -35.55 2.69 -1.86
CA ARG A 125 -35.76 1.37 -1.21
C ARG A 125 -36.58 0.38 -2.02
N ALA B 7 -19.88 10.81 -16.78
CA ALA B 7 -19.96 11.04 -15.31
C ALA B 7 -20.67 12.35 -14.99
N GLN B 8 -20.54 12.78 -13.73
CA GLN B 8 -20.66 14.18 -13.34
C GLN B 8 -19.34 14.48 -12.65
N ARG B 9 -18.70 15.56 -13.06
CA ARG B 9 -17.36 15.88 -12.61
C ARG B 9 -17.34 17.24 -11.89
N PRO B 10 -17.83 17.29 -10.63
CA PRO B 10 -17.80 18.52 -9.84
C PRO B 10 -16.38 18.89 -9.45
N HIS B 11 -15.50 17.89 -9.34
CA HIS B 11 -14.10 18.09 -8.99
C HIS B 11 -13.38 18.91 -10.06
N GLU B 12 -13.72 18.68 -11.32
CA GLU B 12 -13.13 19.42 -12.45
C GLU B 12 -13.23 20.93 -12.30
N ARG B 13 -14.12 21.40 -11.42
CA ARG B 13 -14.32 22.82 -11.18
C ARG B 13 -13.36 23.43 -10.16
N LEU B 14 -12.80 22.59 -9.28
CA LEU B 14 -11.97 23.07 -8.17
C LEU B 14 -10.56 23.50 -8.61
N ASP B 15 -10.08 24.62 -8.06
CA ASP B 15 -8.72 25.11 -8.32
C ASP B 15 -7.69 24.06 -7.88
N ALA B 16 -7.95 23.47 -6.71
CA ALA B 16 -7.14 22.40 -6.16
C ALA B 16 -6.91 21.26 -7.15
N TRP B 17 -7.94 20.94 -7.95
CA TRP B 17 -7.84 19.87 -8.94
C TRP B 17 -7.09 20.32 -10.20
N ARG B 18 -7.43 21.49 -10.73
CA ARG B 18 -6.77 22.01 -11.95
C ARG B 18 -5.29 22.22 -11.71
N ASP B 19 -4.96 22.77 -10.55
CA ASP B 19 -3.58 23.01 -10.16
C ASP B 19 -2.82 21.67 -9.92
N SER B 20 -3.43 20.74 -9.18
CA SER B 20 -2.91 19.36 -9.01
C SER B 20 -2.55 18.73 -10.34
N MET B 21 -3.52 18.77 -11.25
CA MET B 21 -3.34 18.17 -12.58
C MET B 21 -2.18 18.81 -13.32
N GLU B 22 -1.95 20.10 -13.10
CA GLU B 22 -0.79 20.79 -13.67
C GLU B 22 0.49 20.31 -13.02
N LEU B 23 0.46 20.10 -11.71
CA LEU B 23 1.58 19.48 -10.99
C LEU B 23 1.98 18.12 -11.57
N VAL B 24 1.00 17.30 -11.94
CA VAL B 24 1.29 15.99 -12.52
C VAL B 24 2.21 16.14 -13.73
N GLU B 25 1.83 16.99 -14.66
CA GLU B 25 2.60 17.23 -15.88
C GLU B 25 4.00 17.75 -15.59
N MET B 26 4.10 18.69 -14.65
CA MET B 26 5.41 19.24 -14.27
C MET B 26 6.32 18.14 -13.70
N ILE B 27 5.80 17.37 -12.74
CA ILE B 27 6.54 16.25 -12.13
C ILE B 27 7.00 15.22 -13.16
N TYR B 28 6.11 14.90 -14.11
CA TYR B 28 6.49 14.03 -15.23
C TYR B 28 7.63 14.62 -16.07
N ARG B 29 7.53 15.92 -16.36
CA ARG B 29 8.59 16.65 -17.06
C ARG B 29 9.89 16.60 -16.27
N LEU B 30 9.88 17.19 -15.08
CA LEU B 30 11.04 17.19 -14.19
C LEU B 30 11.74 15.82 -14.08
N THR B 31 10.97 14.74 -14.03
CA THR B 31 11.52 13.41 -13.76
C THR B 31 12.05 12.66 -14.98
N GLU B 32 11.76 13.15 -16.18
CA GLU B 32 12.29 12.53 -17.41
C GLU B 32 13.82 12.56 -17.49
N VAL B 33 14.44 13.50 -16.78
CA VAL B 33 15.90 13.69 -16.80
C VAL B 33 16.59 12.99 -15.62
N PHE B 34 15.80 12.38 -14.75
CA PHE B 34 16.34 11.61 -13.63
C PHE B 34 17.13 10.42 -14.17
N PRO B 35 18.09 9.91 -13.36
CA PRO B 35 18.92 8.78 -13.81
C PRO B 35 18.07 7.53 -14.05
N ASP B 36 18.52 6.66 -14.96
CA ASP B 36 17.82 5.40 -15.23
C ASP B 36 17.75 4.50 -14.00
N GLN B 37 18.73 4.61 -13.11
CA GLN B 37 18.77 3.80 -11.91
C GLN B 37 17.61 4.12 -10.95
N GLU B 38 16.87 5.18 -11.24
CA GLU B 38 15.81 5.65 -10.37
C GLU B 38 14.43 5.51 -10.99
N ARG B 39 14.40 5.05 -12.23
CA ARG B 39 13.17 4.94 -13.03
C ARG B 39 12.03 4.20 -12.32
N TYR B 40 12.37 3.19 -11.52
CA TYR B 40 11.35 2.50 -10.72
C TYR B 40 11.49 2.80 -9.23
N GLY B 41 12.48 3.62 -8.91
CA GLY B 41 12.69 4.08 -7.55
C GLY B 41 12.03 5.43 -7.38
N LEU B 42 12.87 6.46 -7.26
CA LEU B 42 12.41 7.80 -6.95
C LEU B 42 11.47 8.38 -8.01
N THR B 43 11.81 8.17 -9.29
CA THR B 43 10.99 8.64 -10.40
C THR B 43 9.54 8.10 -10.33
N ALA B 44 9.41 6.79 -10.17
CA ALA B 44 8.08 6.16 -10.10
C ALA B 44 7.31 6.63 -8.87
N GLN B 45 8.02 6.95 -7.80
CA GLN B 45 7.40 7.41 -6.57
C GLN B 45 6.90 8.86 -6.67
N LEU B 46 7.67 9.70 -7.37
CA LEU B 46 7.28 11.09 -7.57
C LEU B 46 6.04 11.15 -8.45
N ARG B 47 6.06 10.38 -9.53
CA ARG B 47 4.91 10.29 -10.44
C ARG B 47 3.65 9.78 -9.76
N ARG B 48 3.71 8.62 -9.10
CA ARG B 48 2.59 8.06 -8.33
C ARG B 48 2.00 9.08 -7.35
N ALA B 49 2.87 9.75 -6.60
CA ALA B 49 2.41 10.68 -5.57
C ALA B 49 1.72 11.86 -6.21
N ALA B 50 2.30 12.38 -7.29
CA ALA B 50 1.72 13.52 -8.01
C ALA B 50 0.37 13.15 -8.57
N VAL B 51 0.27 11.97 -9.19
CA VAL B 51 -0.98 11.45 -9.76
C VAL B 51 -2.02 11.24 -8.66
N SER B 52 -1.55 10.80 -7.50
CA SER B 52 -2.40 10.45 -6.38
C SER B 52 -3.23 11.63 -5.88
N ILE B 53 -2.70 12.85 -6.04
CA ILE B 53 -3.32 14.06 -5.51
C ILE B 53 -4.64 14.45 -6.21
N PRO B 54 -4.62 14.73 -7.54
CA PRO B 54 -5.91 14.97 -8.19
C PRO B 54 -6.88 13.79 -8.14
N SER B 55 -6.36 12.56 -8.14
CA SER B 55 -7.19 11.35 -8.05
C SER B 55 -7.95 11.33 -6.73
N ASN B 56 -7.25 11.71 -5.65
CA ASN B 56 -7.86 11.73 -4.33
C ASN B 56 -8.83 12.88 -4.10
N ILE B 57 -8.55 14.04 -4.71
CA ILE B 57 -9.53 15.13 -4.76
C ILE B 57 -10.81 14.64 -5.45
N ALA B 58 -10.66 14.07 -6.66
CA ALA B 58 -11.80 13.55 -7.42
C ALA B 58 -12.55 12.49 -6.63
N GLU B 59 -11.82 11.56 -6.04
CA GLU B 59 -12.47 10.51 -5.25
C GLU B 59 -13.30 11.09 -4.09
N GLY B 60 -12.73 12.01 -3.33
CA GLY B 60 -13.45 12.67 -2.24
C GLY B 60 -14.69 13.41 -2.69
N ALA B 61 -14.58 14.22 -3.75
CA ALA B 61 -15.69 14.99 -4.28
C ALA B 61 -16.89 14.13 -4.70
N ALA B 62 -16.64 12.85 -4.98
CA ALA B 62 -17.65 11.91 -5.44
C ALA B 62 -18.35 11.26 -4.25
N ARG B 63 -17.85 11.53 -3.06
CA ARG B 63 -18.39 10.93 -1.85
C ARG B 63 -19.66 11.59 -1.34
N ARG B 64 -20.40 10.84 -0.52
CA ARG B 64 -21.73 11.25 -0.08
C ARG B 64 -21.69 12.33 0.98
N SER B 65 -20.89 12.11 2.03
CA SER B 65 -20.87 12.99 3.19
C SER B 65 -19.60 13.82 3.27
N THR B 66 -19.73 14.99 3.89
CA THR B 66 -18.61 15.89 4.17
C THR B 66 -17.38 15.18 4.82
N PRO B 67 -17.58 14.43 5.93
CA PRO B 67 -16.48 13.68 6.55
C PRO B 67 -15.66 12.81 5.59
N ASP B 68 -16.31 12.28 4.54
CA ASP B 68 -15.64 11.45 3.55
C ASP B 68 -14.82 12.28 2.56
N TYR B 69 -15.41 13.38 2.11
CA TYR B 69 -14.72 14.34 1.27
C TYR B 69 -13.37 14.72 1.92
N SER B 70 -13.44 15.18 3.17
CA SER B 70 -12.30 15.59 3.98
C SER B 70 -11.28 14.49 4.23
N ARG B 71 -11.75 13.26 4.40
CA ARG B 71 -10.87 12.12 4.63
C ARG B 71 -9.97 11.91 3.41
N PHE B 72 -10.55 12.09 2.22
CA PHE B 72 -9.79 11.96 0.98
C PHE B 72 -8.97 13.20 0.65
N LEU B 73 -9.47 14.39 1.01
CA LEU B 73 -8.69 15.62 0.78
C LEU B 73 -7.46 15.58 1.67
N SER B 74 -7.64 15.05 2.88
CA SER B 74 -6.55 14.85 3.81
C SER B 74 -5.48 13.87 3.26
N ILE B 75 -5.93 12.78 2.62
CA ILE B 75 -5.02 11.83 1.95
C ILE B 75 -4.28 12.51 0.77
N ALA B 76 -4.96 13.42 0.07
CA ALA B 76 -4.32 14.19 -1.00
C ALA B 76 -3.20 15.10 -0.49
N ARG B 77 -3.41 15.76 0.65
CA ARG B 77 -2.39 16.66 1.19
C ARG B 77 -1.19 15.90 1.71
N GLY B 78 -1.45 14.71 2.26
CA GLY B 78 -0.39 13.79 2.66
C GLY B 78 0.51 13.43 1.50
N SER B 79 -0.10 13.10 0.35
CA SER B 79 0.61 12.77 -0.90
C SER B 79 1.41 13.95 -1.44
N LEU B 80 0.92 15.16 -1.21
CA LEU B 80 1.63 16.36 -1.62
C LEU B 80 2.87 16.53 -0.77
N SER B 81 2.71 16.23 0.52
CA SER B 81 3.79 16.30 1.49
C SER B 81 4.91 15.32 1.17
N GLU B 82 4.57 14.14 0.68
CA GLU B 82 5.62 13.21 0.29
C GLU B 82 6.24 13.60 -1.05
N LEU B 83 5.40 14.10 -1.96
CA LEU B 83 5.87 14.65 -3.23
C LEU B 83 6.93 15.71 -3.02
N ASP B 84 6.66 16.66 -2.12
CA ASP B 84 7.58 17.75 -1.82
C ASP B 84 8.89 17.29 -1.19
N THR B 85 8.80 16.36 -0.23
CA THR B 85 9.96 15.72 0.35
C THR B 85 10.86 15.12 -0.73
N GLN B 86 10.27 14.34 -1.63
CA GLN B 86 11.01 13.67 -2.71
C GLN B 86 11.60 14.65 -3.73
N VAL B 87 10.90 15.75 -3.98
CA VAL B 87 11.41 16.77 -4.87
C VAL B 87 12.68 17.33 -4.27
N GLN B 88 12.65 17.64 -2.97
CA GLN B 88 13.79 18.18 -2.27
C GLN B 88 14.97 17.21 -2.20
N ILE B 89 14.67 15.94 -1.98
CA ILE B 89 15.70 14.90 -2.01
C ILE B 89 16.35 14.76 -3.39
N ALA B 90 15.55 14.79 -4.44
CA ALA B 90 16.08 14.70 -5.81
C ALA B 90 17.05 15.84 -6.09
N ALA B 91 16.72 17.03 -5.60
CA ALA B 91 17.56 18.21 -5.74
C ALA B 91 18.89 18.09 -4.95
N ARG B 92 18.85 17.41 -3.82
CA ARG B 92 20.05 17.18 -3.00
C ARG B 92 20.98 16.13 -3.58
N LEU B 93 20.41 15.16 -4.27
CA LEU B 93 21.19 14.13 -4.93
C LEU B 93 21.64 14.65 -6.28
N GLY B 94 21.06 15.77 -6.71
CA GLY B 94 21.44 16.45 -7.95
C GLY B 94 20.79 15.89 -9.20
N TYR B 95 19.63 15.26 -9.04
CA TYR B 95 18.90 14.72 -10.19
C TYR B 95 18.18 15.81 -10.98
N SER B 96 17.81 16.88 -10.29
CA SER B 96 16.99 17.90 -10.92
C SER B 96 17.84 19.11 -11.27
N ARG B 97 17.47 19.76 -12.35
CA ARG B 97 18.00 21.06 -12.70
C ARG B 97 17.34 22.12 -11.84
N SER B 98 18.14 23.08 -11.35
CA SER B 98 17.69 24.03 -10.35
C SER B 98 16.49 24.87 -10.80
N GLU B 99 16.47 25.27 -12.06
CA GLU B 99 15.40 26.13 -12.58
C GLU B 99 13.99 25.55 -12.46
N ASP B 100 13.76 24.34 -12.97
CA ASP B 100 12.41 23.76 -12.88
C ASP B 100 12.12 23.11 -11.52
N ASP B 101 13.18 22.85 -10.76
CA ASP B 101 13.08 22.52 -9.34
C ASP B 101 12.38 23.67 -8.61
N GLN B 102 12.61 24.90 -9.06
CA GLN B 102 11.98 26.07 -8.46
C GLN B 102 10.52 26.22 -8.87
N SER B 103 10.21 25.91 -10.12
CA SER B 103 8.83 25.96 -10.62
C SER B 103 7.93 24.97 -9.88
N VAL B 104 8.42 23.74 -9.73
CA VAL B 104 7.72 22.70 -9.00
C VAL B 104 7.35 23.16 -7.59
N ARG B 105 8.32 23.75 -6.88
CA ARG B 105 8.12 24.21 -5.50
C ARG B 105 7.03 25.28 -5.33
N ARG B 106 6.91 26.18 -6.32
CA ARG B 106 5.87 27.20 -6.31
C ARG B 106 4.50 26.55 -6.50
N GLN B 107 4.44 25.60 -7.43
CA GLN B 107 3.24 24.81 -7.67
C GLN B 107 2.83 24.03 -6.43
N VAL B 108 3.82 23.47 -5.73
CA VAL B 108 3.57 22.74 -4.49
C VAL B 108 2.94 23.64 -3.43
N ASP B 109 3.49 24.84 -3.24
CA ASP B 109 2.89 25.80 -2.31
C ASP B 109 1.46 26.17 -2.70
N LEU B 110 1.23 26.36 -4.00
CA LEU B 110 -0.07 26.73 -4.56
C LEU B 110 -1.12 25.65 -4.33
N VAL B 111 -0.77 24.42 -4.74
CA VAL B 111 -1.65 23.27 -4.56
C VAL B 111 -1.94 23.09 -3.07
N PHE B 112 -0.94 23.33 -2.23
CA PHE B 112 -1.10 23.27 -0.78
C PHE B 112 -2.11 24.31 -0.29
N ALA B 113 -2.02 25.53 -0.82
CA ALA B 113 -2.92 26.62 -0.43
C ALA B 113 -4.35 26.27 -0.80
N LYS B 114 -4.55 25.91 -2.08
CA LYS B 114 -5.88 25.57 -2.60
C LYS B 114 -6.54 24.41 -1.85
N LEU B 115 -5.77 23.36 -1.56
CA LEU B 115 -6.22 22.21 -0.77
C LEU B 115 -6.57 22.62 0.66
N THR B 116 -5.69 23.41 1.27
CA THR B 116 -5.86 23.86 2.65
C THR B 116 -7.13 24.68 2.79
N ALA B 117 -7.30 25.67 1.91
CA ALA B 117 -8.51 26.51 1.85
C ALA B 117 -9.77 25.66 1.79
N LEU B 118 -9.71 24.62 0.96
CA LEU B 118 -10.82 23.71 0.73
C LEU B 118 -11.14 22.82 1.94
N MET B 119 -10.11 22.25 2.56
CA MET B 119 -10.32 21.41 3.74
C MET B 119 -10.97 22.20 4.87
N ASN B 120 -10.88 23.52 4.77
CA ASN B 120 -11.42 24.45 5.75
C ASN B 120 -12.81 24.94 5.39
N ALA B 121 -13.14 24.92 4.09
CA ALA B 121 -14.52 25.18 3.65
C ALA B 121 -15.47 24.08 4.13
N LEU B 122 -14.94 22.87 4.29
CA LEU B 122 -15.71 21.75 4.80
C LEU B 122 -15.79 21.75 6.33
N ARG B 123 -15.14 22.75 6.94
CA ARG B 123 -15.08 23.01 8.40
C ARG B 123 -13.74 22.55 8.97
N ARG C 9 5.67 27.31 5.31
CA ARG C 9 6.49 26.07 5.52
C ARG C 9 7.22 26.10 6.86
N PRO C 10 6.47 25.91 7.97
CA PRO C 10 7.04 26.03 9.31
C PRO C 10 7.98 24.89 9.67
N HIS C 11 7.73 23.71 9.10
CA HIS C 11 8.47 22.49 9.43
C HIS C 11 9.98 22.58 9.18
N GLU C 12 10.36 23.34 8.17
CA GLU C 12 11.75 23.47 7.75
C GLU C 12 12.64 24.13 8.81
N ARG C 13 12.00 24.76 9.79
CA ARG C 13 12.71 25.38 10.92
C ARG C 13 12.97 24.35 12.02
N LEU C 14 12.32 23.20 11.93
CA LEU C 14 12.42 22.20 12.96
C LEU C 14 13.66 21.34 12.82
N ASP C 15 14.38 21.18 13.92
CA ASP C 15 15.52 20.27 13.97
C ASP C 15 15.14 18.87 13.48
N ALA C 16 13.97 18.39 13.85
CA ALA C 16 13.54 17.03 13.49
C ALA C 16 13.42 16.81 11.98
N TRP C 17 12.89 17.79 11.27
CA TRP C 17 12.77 17.71 9.82
C TRP C 17 14.16 17.80 9.20
N ARG C 18 14.92 18.83 9.56
CA ARG C 18 16.29 19.01 9.11
C ARG C 18 17.11 17.71 9.22
N ASP C 19 17.09 17.12 10.42
CA ASP C 19 17.82 15.89 10.70
C ASP C 19 17.17 14.67 10.04
N SER C 20 15.84 14.68 9.89
CA SER C 20 15.12 13.67 9.10
C SER C 20 15.73 13.58 7.72
N MET C 21 15.77 14.74 7.06
CA MET C 21 16.18 14.84 5.66
C MET C 21 17.66 14.47 5.52
N GLU C 22 18.48 14.90 6.47
CA GLU C 22 19.88 14.49 6.54
C GLU C 22 20.00 12.96 6.59
N LEU C 23 19.14 12.30 7.38
CA LEU C 23 19.04 10.84 7.41
C LEU C 23 18.63 10.23 6.07
N VAL C 24 17.65 10.82 5.38
CA VAL C 24 17.27 10.36 4.04
C VAL C 24 18.49 10.27 3.13
N GLU C 25 19.32 11.31 3.12
CA GLU C 25 20.56 11.30 2.34
C GLU C 25 21.55 10.24 2.80
N MET C 26 21.66 10.06 4.12
CA MET C 26 22.56 9.04 4.70
C MET C 26 22.10 7.65 4.23
N ILE C 27 20.78 7.45 4.15
CA ILE C 27 20.17 6.19 3.74
C ILE C 27 20.37 5.91 2.24
N TYR C 28 20.35 6.97 1.43
CA TYR C 28 20.71 6.82 0.01
C TYR C 28 22.16 6.40 -0.21
N ARG C 29 23.09 7.06 0.49
CA ARG C 29 24.49 6.65 0.45
C ARG C 29 24.69 5.23 0.95
N LEU C 30 24.12 4.90 2.11
CA LEU C 30 24.25 3.56 2.69
C LEU C 30 23.84 2.44 1.74
N THR C 31 22.82 2.69 0.92
CA THR C 31 22.19 1.65 0.11
C THR C 31 22.62 1.61 -1.36
N GLU C 32 23.43 2.58 -1.77
CA GLU C 32 23.93 2.63 -3.15
C GLU C 32 24.92 1.48 -3.44
N VAL C 33 25.49 0.92 -2.38
CA VAL C 33 26.38 -0.24 -2.48
C VAL C 33 25.71 -1.55 -1.97
N PHE C 34 24.40 -1.51 -1.74
CA PHE C 34 23.65 -2.73 -1.43
C PHE C 34 23.59 -3.62 -2.69
N PRO C 35 23.44 -4.96 -2.54
CA PRO C 35 23.41 -5.81 -3.74
C PRO C 35 22.34 -5.36 -4.74
N ASP C 36 22.66 -5.47 -6.03
CA ASP C 36 21.72 -5.09 -7.09
C ASP C 36 20.37 -5.79 -6.97
N GLN C 37 20.40 -7.09 -6.64
CA GLN C 37 19.16 -7.88 -6.50
C GLN C 37 18.20 -7.36 -5.42
N GLU C 38 18.72 -6.54 -4.51
CA GLU C 38 17.90 -5.94 -3.45
C GLU C 38 17.45 -4.53 -3.78
N ARG C 39 17.60 -4.10 -5.02
CA ARG C 39 17.24 -2.73 -5.39
C ARG C 39 15.75 -2.38 -5.19
N TYR C 40 14.89 -3.40 -5.20
CA TYR C 40 13.44 -3.16 -5.15
C TYR C 40 12.52 -3.85 -4.09
N GLY C 41 12.98 -4.64 -3.12
CA GLY C 41 14.32 -4.72 -2.60
C GLY C 41 14.37 -4.07 -1.22
N LEU C 42 15.41 -4.41 -0.44
CA LEU C 42 15.67 -3.78 0.83
C LEU C 42 16.05 -2.31 0.65
N THR C 43 16.74 -1.99 -0.44
CA THR C 43 17.18 -0.62 -0.63
C THR C 43 15.96 0.28 -0.82
N ALA C 44 15.00 -0.19 -1.62
CA ALA C 44 13.77 0.55 -1.88
C ALA C 44 12.96 0.77 -0.60
N GLN C 45 12.78 -0.29 0.19
CA GLN C 45 12.00 -0.19 1.43
C GLN C 45 12.65 0.77 2.44
N LEU C 46 13.97 0.72 2.56
CA LEU C 46 14.71 1.65 3.42
C LEU C 46 14.59 3.09 2.93
N ARG C 47 14.63 3.28 1.62
CA ARG C 47 14.46 4.64 1.07
C ARG C 47 13.05 5.21 1.28
N ARG C 48 12.02 4.36 1.17
CA ARG C 48 10.64 4.79 1.40
C ARG C 48 10.38 5.11 2.86
N ALA C 49 10.92 4.29 3.76
CA ALA C 49 10.77 4.49 5.20
C ALA C 49 11.36 5.82 5.63
N ALA C 50 12.57 6.12 5.14
CA ALA C 50 13.22 7.39 5.40
C ALA C 50 12.38 8.57 4.93
N VAL C 51 12.03 8.59 3.65
CA VAL C 51 11.24 9.67 3.04
C VAL C 51 9.98 9.93 3.85
N SER C 52 9.39 8.85 4.33
CA SER C 52 8.23 8.92 5.17
C SER C 52 8.45 9.80 6.41
N ILE C 53 9.63 9.72 7.03
CA ILE C 53 9.85 10.51 8.25
C ILE C 53 9.63 12.02 8.02
N PRO C 54 10.44 12.69 7.17
CA PRO C 54 10.19 14.11 6.93
C PRO C 54 8.81 14.46 6.36
N SER C 55 8.27 13.59 5.49
CA SER C 55 6.92 13.79 4.91
C SER C 55 5.84 13.93 5.96
N ASN C 56 5.87 13.03 6.95
CA ASN C 56 4.90 13.03 8.03
C ASN C 56 5.13 14.16 9.02
N ILE C 57 6.39 14.50 9.28
CA ILE C 57 6.69 15.66 10.12
C ILE C 57 6.15 16.92 9.46
N ALA C 58 6.39 17.07 8.15
CA ALA C 58 5.82 18.18 7.38
C ALA C 58 4.30 18.22 7.50
N GLU C 59 3.65 17.10 7.22
CA GLU C 59 2.20 17.02 7.31
C GLU C 59 1.70 17.35 8.72
N GLY C 60 2.54 17.05 9.71
CA GLY C 60 2.25 17.37 11.11
C GLY C 60 2.22 18.86 11.39
N ALA C 61 3.34 19.53 11.14
CA ALA C 61 3.48 20.96 11.45
C ALA C 61 2.42 21.87 10.81
N ALA C 62 1.80 21.38 9.73
CA ALA C 62 0.74 22.14 9.06
C ALA C 62 -0.63 22.02 9.76
N ARG C 63 -0.65 21.45 10.97
CA ARG C 63 -1.90 21.14 11.70
C ARG C 63 -1.78 21.29 13.22
N ASP C 68 -3.89 15.88 16.25
CA ASP C 68 -3.58 15.51 14.87
C ASP C 68 -2.09 15.63 14.52
N TYR C 69 -1.51 16.79 14.82
CA TYR C 69 -0.07 17.02 14.74
C TYR C 69 0.65 15.88 15.44
N SER C 70 0.36 15.73 16.74
CA SER C 70 0.91 14.65 17.57
C SER C 70 0.80 13.26 16.92
N ARG C 71 -0.26 13.06 16.14
CA ARG C 71 -0.50 11.76 15.52
C ARG C 71 0.36 11.52 14.27
N PHE C 72 0.64 12.57 13.50
CA PHE C 72 1.54 12.46 12.36
C PHE C 72 2.99 12.25 12.79
N LEU C 73 3.34 12.85 13.91
CA LEU C 73 4.65 12.64 14.52
C LEU C 73 4.82 11.18 14.91
N SER C 74 3.77 10.62 15.53
CA SER C 74 3.72 9.22 15.91
C SER C 74 3.86 8.28 14.70
N ILE C 75 3.30 8.68 13.56
CA ILE C 75 3.50 7.95 12.31
C ILE C 75 4.95 8.06 11.83
N ALA C 76 5.55 9.25 11.98
CA ALA C 76 6.96 9.47 11.62
C ALA C 76 7.91 8.60 12.45
N ARG C 77 7.71 8.59 13.77
CA ARG C 77 8.43 7.69 14.67
C ARG C 77 8.21 6.22 14.29
N GLY C 78 7.01 5.89 13.83
CA GLY C 78 6.70 4.56 13.31
C GLY C 78 7.64 4.14 12.20
N SER C 79 7.78 4.99 11.17
CA SER C 79 8.64 4.67 10.05
C SER C 79 10.11 4.62 10.48
N LEU C 80 10.48 5.43 11.47
CA LEU C 80 11.85 5.42 12.00
C LEU C 80 12.17 4.08 12.68
N SER C 81 11.22 3.54 13.45
CA SER C 81 11.38 2.20 14.00
C SER C 81 11.53 1.14 12.90
N GLU C 82 10.78 1.28 11.80
CA GLU C 82 10.89 0.36 10.66
C GLU C 82 12.21 0.49 9.94
N LEU C 83 12.63 1.74 9.74
CA LEU C 83 13.93 2.05 9.19
C LEU C 83 15.02 1.38 10.05
N ASP C 84 15.01 1.71 11.34
CA ASP C 84 16.02 1.22 12.28
C ASP C 84 16.16 -0.29 12.23
N THR C 85 15.06 -1.03 12.24
CA THR C 85 15.20 -2.46 12.15
C THR C 85 15.77 -2.96 10.83
N GLN C 86 15.44 -2.26 9.74
CA GLN C 86 15.91 -2.65 8.41
C GLN C 86 17.40 -2.35 8.23
N VAL C 87 17.83 -1.21 8.72
CA VAL C 87 19.25 -0.91 8.79
C VAL C 87 20.00 -2.00 9.56
N GLN C 88 19.43 -2.48 10.65
CA GLN C 88 20.08 -3.53 11.45
C GLN C 88 20.09 -4.88 10.79
N ILE C 89 19.00 -5.24 10.10
CA ILE C 89 18.99 -6.46 9.28
C ILE C 89 20.08 -6.38 8.20
N ALA C 90 20.23 -5.20 7.58
CA ALA C 90 21.21 -5.01 6.51
C ALA C 90 22.64 -5.30 6.99
N ALA C 91 22.94 -4.85 8.21
CA ALA C 91 24.24 -5.10 8.82
C ALA C 91 24.38 -6.58 9.13
N ARG C 92 23.31 -7.20 9.60
CA ARG C 92 23.41 -8.60 9.94
C ARG C 92 23.62 -9.49 8.70
N LEU C 93 23.07 -9.03 7.57
CA LEU C 93 23.18 -9.73 6.30
C LEU C 93 24.52 -9.43 5.62
N GLY C 94 25.22 -8.43 6.13
CA GLY C 94 26.53 -8.03 5.62
C GLY C 94 26.51 -7.03 4.46
N TYR C 95 25.47 -6.19 4.38
CA TYR C 95 25.33 -5.28 3.22
C TYR C 95 26.00 -3.91 3.41
N SER C 96 26.22 -3.54 4.66
CA SER C 96 26.67 -2.19 4.97
C SER C 96 28.10 -2.13 5.46
N ARG C 97 28.80 -1.08 5.03
CA ARG C 97 30.13 -0.79 5.54
C ARG C 97 30.01 -0.76 7.07
N SER C 98 31.01 -1.28 7.77
CA SER C 98 30.90 -1.43 9.23
C SER C 98 30.82 -0.09 9.98
N GLU C 99 31.40 0.95 9.39
CA GLU C 99 31.41 2.29 9.99
C GLU C 99 30.20 3.13 9.60
N ASP C 100 29.68 2.90 8.39
CA ASP C 100 28.50 3.60 7.87
C ASP C 100 27.26 3.26 8.66
N ASP C 101 27.17 1.98 9.04
CA ASP C 101 26.13 1.47 9.92
C ASP C 101 26.03 2.29 11.21
N GLN C 102 27.16 2.51 11.88
CA GLN C 102 27.19 3.25 13.16
C GLN C 102 26.90 4.75 13.02
N SER C 103 27.25 5.32 11.88
CA SER C 103 26.86 6.69 11.55
C SER C 103 25.34 6.82 11.41
N VAL C 104 24.72 5.83 10.78
CA VAL C 104 23.28 5.83 10.57
C VAL C 104 22.57 5.63 11.91
N ARG C 105 23.08 4.68 12.68
CA ARG C 105 22.61 4.42 14.03
C ARG C 105 22.53 5.72 14.84
N ARG C 106 23.63 6.47 14.86
CA ARG C 106 23.72 7.72 15.61
C ARG C 106 22.69 8.73 15.10
N GLN C 107 22.50 8.79 13.77
CA GLN C 107 21.53 9.71 13.18
C GLN C 107 20.10 9.30 13.51
N VAL C 108 19.82 8.00 13.41
CA VAL C 108 18.54 7.44 13.85
C VAL C 108 18.27 7.88 15.28
N ASP C 109 19.24 7.68 16.18
CA ASP C 109 19.16 8.08 17.59
C ASP C 109 18.84 9.58 17.77
N LEU C 110 19.44 10.42 16.92
CA LEU C 110 19.26 11.87 16.98
C LEU C 110 17.85 12.23 16.55
N VAL C 111 17.46 11.74 15.39
CA VAL C 111 16.09 11.93 14.90
C VAL C 111 15.09 11.47 15.97
N PHE C 112 15.33 10.30 16.56
CA PHE C 112 14.44 9.80 17.61
C PHE C 112 14.27 10.79 18.75
N ALA C 113 15.39 11.32 19.25
CA ALA C 113 15.40 12.32 20.32
C ALA C 113 14.60 13.58 19.95
N LYS C 114 14.86 14.09 18.74
CA LYS C 114 14.21 15.29 18.24
C LYS C 114 12.72 15.10 18.04
N LEU C 115 12.34 13.92 17.53
CA LEU C 115 10.93 13.56 17.38
C LEU C 115 10.24 13.50 18.73
N THR C 116 10.90 12.85 19.69
CA THR C 116 10.39 12.70 21.04
C THR C 116 10.32 14.04 21.77
N ALA C 117 11.29 14.90 21.51
CA ALA C 117 11.33 16.23 22.12
C ALA C 117 10.10 17.04 21.70
N LEU C 118 9.92 17.18 20.39
CA LEU C 118 8.83 17.96 19.82
C LEU C 118 7.45 17.37 20.11
N MET C 119 7.38 16.03 20.13
CA MET C 119 6.16 15.28 20.42
C MET C 119 5.69 15.51 21.86
N ASN C 120 6.63 15.79 22.76
CA ASN C 120 6.36 15.99 24.21
C ASN C 120 5.80 17.37 24.60
N ALA C 121 6.18 18.40 23.86
CA ALA C 121 5.55 19.72 24.02
C ALA C 121 4.15 19.65 23.40
N LEU C 122 3.30 18.84 24.03
CA LEU C 122 2.02 18.45 23.44
C LEU C 122 0.84 19.27 23.98
N ARG D 9 17.53 -0.52 23.24
CA ARG D 9 17.97 0.89 23.28
C ARG D 9 17.51 1.31 24.64
N PRO D 10 16.27 0.93 25.01
CA PRO D 10 15.84 0.12 26.15
C PRO D 10 15.23 -1.23 25.66
N HIS D 11 14.44 -1.16 24.59
CA HIS D 11 13.84 -2.32 23.93
C HIS D 11 14.82 -3.40 23.45
N GLU D 12 16.07 -3.03 23.19
CA GLU D 12 17.04 -4.02 22.69
C GLU D 12 17.47 -5.05 23.74
N ARG D 13 17.00 -4.87 24.97
CA ARG D 13 17.27 -5.82 26.05
C ARG D 13 16.12 -6.77 26.28
N LEU D 14 15.01 -6.52 25.60
CA LEU D 14 13.88 -7.43 25.66
C LEU D 14 14.17 -8.64 24.80
N ASP D 15 13.90 -9.82 25.35
CA ASP D 15 14.06 -11.09 24.62
C ASP D 15 13.13 -11.12 23.43
N ALA D 16 11.91 -10.63 23.65
CA ALA D 16 10.89 -10.63 22.63
C ALA D 16 11.33 -9.85 21.40
N TRP D 17 12.07 -8.75 21.60
CA TRP D 17 12.67 -7.98 20.50
C TRP D 17 13.90 -8.69 19.90
N ARG D 18 14.78 -9.22 20.75
CA ARG D 18 15.98 -9.92 20.29
C ARG D 18 15.61 -11.16 19.45
N ASP D 19 14.58 -11.88 19.91
CA ASP D 19 14.18 -13.10 19.22
C ASP D 19 13.40 -12.78 17.95
N SER D 20 12.67 -11.66 17.98
CA SER D 20 12.04 -11.09 16.78
C SER D 20 13.05 -10.74 15.70
N MET D 21 14.13 -10.05 16.09
CA MET D 21 15.16 -9.63 15.16
C MET D 21 15.85 -10.81 14.47
N GLU D 22 15.97 -11.91 15.20
CA GLU D 22 16.61 -13.13 14.73
C GLU D 22 15.67 -13.80 13.76
N LEU D 23 14.38 -13.75 14.10
CA LEU D 23 13.33 -14.21 13.19
C LEU D 23 13.31 -13.44 11.86
N VAL D 24 13.38 -12.11 11.91
CA VAL D 24 13.39 -11.29 10.70
C VAL D 24 14.59 -11.63 9.82
N GLU D 25 15.75 -11.86 10.44
CA GLU D 25 16.95 -12.23 9.71
C GLU D 25 16.77 -13.58 9.05
N MET D 26 16.17 -14.52 9.78
CA MET D 26 15.79 -15.81 9.23
C MET D 26 14.89 -15.69 8.01
N ILE D 27 13.95 -14.74 8.07
CA ILE D 27 12.99 -14.54 6.98
C ILE D 27 13.63 -13.92 5.74
N TYR D 28 14.48 -12.92 5.91
CA TYR D 28 15.23 -12.41 4.77
C TYR D 28 16.04 -13.52 4.12
N ARG D 29 16.74 -14.33 4.93
CA ARG D 29 17.55 -15.42 4.40
C ARG D 29 16.70 -16.53 3.79
N LEU D 30 15.51 -16.74 4.34
CA LEU D 30 14.58 -17.75 3.82
C LEU D 30 14.08 -17.42 2.43
N THR D 31 13.90 -16.13 2.16
CA THR D 31 13.33 -15.71 0.88
C THR D 31 14.36 -15.67 -0.23
N GLU D 32 15.64 -15.80 0.13
CA GLU D 32 16.71 -15.63 -0.87
C GLU D 32 16.86 -16.81 -1.83
N VAL D 33 16.02 -17.82 -1.65
CA VAL D 33 15.97 -18.99 -2.53
C VAL D 33 14.63 -19.05 -3.30
N PHE D 34 13.75 -18.09 -2.99
CA PHE D 34 12.47 -17.93 -3.70
C PHE D 34 12.75 -17.44 -5.11
N PRO D 35 11.95 -17.90 -6.11
CA PRO D 35 12.05 -17.38 -7.46
C PRO D 35 12.32 -15.87 -7.46
N ASP D 36 13.22 -15.41 -8.32
CA ASP D 36 13.53 -13.99 -8.46
C ASP D 36 12.27 -13.17 -8.77
N GLN D 37 11.31 -13.82 -9.44
CA GLN D 37 10.09 -13.17 -9.91
C GLN D 37 9.04 -13.02 -8.79
N GLU D 38 9.19 -13.77 -7.70
CA GLU D 38 8.32 -13.59 -6.52
C GLU D 38 8.78 -12.48 -5.58
N ARG D 39 9.71 -11.66 -6.06
CA ARG D 39 10.32 -10.60 -5.25
C ARG D 39 9.32 -9.54 -4.76
N TYR D 40 8.12 -9.49 -5.33
CA TYR D 40 7.22 -8.36 -5.06
C TYR D 40 5.72 -8.55 -4.68
N GLY D 41 5.17 -9.74 -4.47
CA GLY D 41 5.83 -10.98 -4.16
C GLY D 41 5.48 -11.40 -2.73
N LEU D 42 5.33 -12.70 -2.51
CA LEU D 42 5.38 -13.25 -1.16
C LEU D 42 6.60 -12.72 -0.45
N THR D 43 7.68 -12.56 -1.21
CA THR D 43 8.97 -12.16 -0.67
C THR D 43 8.81 -10.83 0.04
N ALA D 44 8.20 -9.87 -0.64
CA ALA D 44 7.89 -8.57 -0.07
C ALA D 44 6.88 -8.63 1.09
N GLN D 45 5.88 -9.51 0.97
CA GLN D 45 4.83 -9.67 1.98
C GLN D 45 5.44 -10.25 3.27
N LEU D 46 6.14 -11.37 3.16
CA LEU D 46 6.88 -11.95 4.28
C LEU D 46 7.76 -10.93 5.00
N ARG D 47 8.55 -10.18 4.23
CA ARG D 47 9.47 -9.21 4.80
C ARG D 47 8.76 -8.07 5.51
N ARG D 48 7.66 -7.59 4.93
CA ARG D 48 6.87 -6.52 5.53
C ARG D 48 6.28 -6.96 6.87
N ALA D 49 5.80 -8.21 6.92
CA ALA D 49 5.22 -8.78 8.12
C ALA D 49 6.29 -8.90 9.19
N ALA D 50 7.39 -9.56 8.82
CA ALA D 50 8.56 -9.70 9.68
C ALA D 50 9.08 -8.39 10.27
N VAL D 51 9.34 -7.41 9.43
CA VAL D 51 9.91 -6.13 9.90
C VAL D 51 9.00 -5.45 10.94
N SER D 52 7.71 -5.70 10.79
CA SER D 52 6.71 -5.09 11.61
C SER D 52 6.78 -5.50 13.08
N ILE D 53 7.23 -6.73 13.32
CA ILE D 53 7.21 -7.28 14.67
C ILE D 53 8.17 -6.58 15.62
N PRO D 54 9.50 -6.60 15.35
CA PRO D 54 10.35 -5.78 16.22
C PRO D 54 10.12 -4.26 16.10
N SER D 55 9.64 -3.79 14.95
CA SER D 55 9.42 -2.34 14.82
C SER D 55 8.34 -1.85 15.78
N ASN D 56 7.27 -2.63 15.92
CA ASN D 56 6.18 -2.36 16.86
C ASN D 56 6.54 -2.63 18.32
N ILE D 57 7.33 -3.66 18.59
CA ILE D 57 7.88 -3.86 19.95
C ILE D 57 8.66 -2.61 20.38
N ALA D 58 9.56 -2.11 19.52
CA ALA D 58 10.36 -0.93 19.84
C ALA D 58 9.50 0.31 20.02
N GLU D 59 8.46 0.46 19.21
CA GLU D 59 7.54 1.59 19.32
C GLU D 59 6.69 1.55 20.59
N GLY D 60 6.23 0.36 20.97
CA GLY D 60 5.50 0.21 22.21
C GLY D 60 6.33 0.68 23.41
N ALA D 61 7.57 0.19 23.48
CA ALA D 61 8.49 0.43 24.60
C ALA D 61 8.86 1.90 24.77
N ALA D 62 8.75 2.68 23.69
CA ALA D 62 9.02 4.12 23.75
C ALA D 62 7.82 4.94 24.26
N ARG D 63 6.63 4.33 24.30
CA ARG D 63 5.44 5.05 24.79
C ARG D 63 5.44 5.06 26.32
N ARG D 64 5.03 6.18 26.90
CA ARG D 64 4.83 6.27 28.34
C ARG D 64 3.60 5.47 28.74
N SER D 65 2.57 5.48 27.88
CA SER D 65 1.32 4.76 28.13
C SER D 65 1.46 3.25 28.06
N THR D 66 1.20 2.58 29.18
CA THR D 66 1.24 1.13 29.25
C THR D 66 0.17 0.45 28.38
N PRO D 67 -1.09 0.91 28.44
CA PRO D 67 -2.05 0.31 27.52
C PRO D 67 -1.78 0.55 26.03
N ASP D 68 -1.21 1.69 25.66
CA ASP D 68 -0.78 1.92 24.28
C ASP D 68 0.38 0.99 23.91
N TYR D 69 1.28 0.76 24.88
CA TYR D 69 2.35 -0.22 24.75
C TYR D 69 1.76 -1.59 24.41
N SER D 70 0.82 -2.04 25.24
CA SER D 70 0.15 -3.32 25.02
C SER D 70 -0.51 -3.44 23.66
N ARG D 71 -1.09 -2.34 23.22
CA ARG D 71 -1.74 -2.24 21.93
C ARG D 71 -0.73 -2.51 20.82
N PHE D 72 0.41 -1.81 20.88
CA PHE D 72 1.52 -2.06 19.96
C PHE D 72 1.99 -3.51 20.03
N LEU D 73 1.98 -4.09 21.23
CA LEU D 73 2.36 -5.49 21.38
C LEU D 73 1.35 -6.44 20.70
N SER D 74 0.06 -6.10 20.75
CA SER D 74 -0.98 -6.78 19.96
C SER D 74 -0.78 -6.71 18.45
N ILE D 75 -0.37 -5.53 17.95
CA ILE D 75 -0.12 -5.38 16.52
C ILE D 75 1.05 -6.30 16.12
N ALA D 76 2.13 -6.28 16.90
CA ALA D 76 3.28 -7.16 16.66
C ALA D 76 2.86 -8.63 16.59
N ARG D 77 1.92 -9.01 17.43
CA ARG D 77 1.47 -10.39 17.49
C ARG D 77 0.56 -10.75 16.32
N GLY D 78 -0.21 -9.76 15.84
CA GLY D 78 -0.99 -9.90 14.61
C GLY D 78 -0.09 -10.09 13.40
N SER D 79 0.98 -9.29 13.34
CA SER D 79 1.98 -9.42 12.29
C SER D 79 2.71 -10.78 12.32
N LEU D 80 2.99 -11.28 13.52
CA LEU D 80 3.65 -12.59 13.67
C LEU D 80 2.76 -13.69 13.10
N SER D 81 1.47 -13.56 13.39
CA SER D 81 0.46 -14.49 12.97
C SER D 81 0.29 -14.38 11.43
N GLU D 82 0.28 -13.16 10.91
CA GLU D 82 0.38 -12.92 9.46
C GLU D 82 1.62 -13.60 8.83
N LEU D 83 2.78 -13.42 9.47
CA LEU D 83 4.02 -14.04 9.02
C LEU D 83 3.94 -15.58 8.94
N ASP D 84 3.38 -16.19 9.96
CA ASP D 84 3.24 -17.63 10.06
C ASP D 84 2.40 -18.24 8.94
N THR D 85 1.36 -17.51 8.52
CA THR D 85 0.49 -17.95 7.43
C THR D 85 1.27 -17.89 6.13
N GLN D 86 1.95 -16.77 5.92
CA GLN D 86 2.72 -16.55 4.71
C GLN D 86 3.88 -17.54 4.57
N VAL D 87 4.49 -17.91 5.71
CA VAL D 87 5.53 -18.94 5.72
C VAL D 87 4.92 -20.29 5.34
N GLN D 88 3.71 -20.55 5.83
CA GLN D 88 3.02 -21.78 5.43
C GLN D 88 2.65 -21.76 3.94
N ILE D 89 2.37 -20.58 3.39
CA ILE D 89 2.11 -20.45 1.94
C ILE D 89 3.36 -20.78 1.13
N ALA D 90 4.49 -20.24 1.54
CA ALA D 90 5.78 -20.46 0.90
C ALA D 90 6.12 -21.95 0.84
N ALA D 91 5.84 -22.65 1.94
CA ALA D 91 6.07 -24.08 2.02
C ALA D 91 5.09 -24.83 1.10
N ARG D 92 3.80 -24.46 1.12
CA ARG D 92 2.82 -25.11 0.25
C ARG D 92 3.16 -24.96 -1.24
N LEU D 93 3.80 -23.84 -1.59
CA LEU D 93 4.17 -23.54 -2.98
C LEU D 93 5.53 -24.12 -3.41
N GLY D 94 6.22 -24.78 -2.48
CA GLY D 94 7.48 -25.42 -2.75
C GLY D 94 8.66 -24.47 -2.75
N TYR D 95 8.44 -23.25 -2.27
CA TYR D 95 9.47 -22.22 -2.31
C TYR D 95 10.64 -22.42 -1.35
N SER D 96 10.39 -23.07 -0.22
CA SER D 96 11.41 -23.19 0.82
C SER D 96 11.90 -24.62 1.06
N ARG D 97 13.13 -24.73 1.58
CA ARG D 97 13.65 -26.02 2.05
C ARG D 97 12.89 -26.41 3.32
N SER D 98 12.44 -27.67 3.38
CA SER D 98 11.82 -28.26 4.58
C SER D 98 12.45 -27.81 5.89
N GLU D 99 13.76 -28.01 6.00
CA GLU D 99 14.50 -27.71 7.22
C GLU D 99 14.40 -26.23 7.59
N ASP D 100 14.50 -25.37 6.58
CA ASP D 100 14.30 -23.93 6.75
C ASP D 100 12.87 -23.62 7.19
N ASP D 101 11.89 -24.23 6.54
CA ASP D 101 10.51 -24.12 7.02
C ASP D 101 10.41 -24.54 8.49
N GLN D 102 11.15 -25.57 8.88
CA GLN D 102 11.14 -26.10 10.24
C GLN D 102 11.84 -25.16 11.21
N SER D 103 13.00 -24.65 10.81
CA SER D 103 13.73 -23.66 11.62
C SER D 103 12.92 -22.39 11.88
N VAL D 104 12.19 -21.94 10.87
CA VAL D 104 11.38 -20.74 10.98
C VAL D 104 10.14 -20.95 11.85
N ARG D 105 9.48 -22.10 11.69
CA ARG D 105 8.32 -22.43 12.54
C ARG D 105 8.73 -22.38 14.02
N ARG D 106 9.86 -22.98 14.34
CA ARG D 106 10.33 -23.02 15.73
C ARG D 106 10.65 -21.63 16.27
N GLN D 107 11.29 -20.80 15.45
CA GLN D 107 11.49 -19.40 15.82
C GLN D 107 10.17 -18.66 16.03
N VAL D 108 9.16 -18.97 15.21
CA VAL D 108 7.85 -18.33 15.33
C VAL D 108 7.16 -18.67 16.67
N ASP D 109 7.11 -19.95 17.02
CA ASP D 109 6.66 -20.41 18.33
C ASP D 109 7.45 -19.75 19.49
N LEU D 110 8.75 -19.58 19.33
CA LEU D 110 9.55 -18.91 20.36
C LEU D 110 9.15 -17.44 20.55
N VAL D 111 8.90 -16.73 19.47
CA VAL D 111 8.54 -15.32 19.53
C VAL D 111 7.10 -15.15 20.03
N PHE D 112 6.21 -16.05 19.62
CA PHE D 112 4.86 -16.09 20.19
C PHE D 112 4.96 -16.10 21.72
N ALA D 113 5.64 -17.10 22.29
CA ALA D 113 5.75 -17.21 23.74
C ALA D 113 6.34 -15.96 24.41
N LYS D 114 7.42 -15.41 23.82
CA LYS D 114 8.13 -14.25 24.39
C LYS D 114 7.29 -12.98 24.39
N LEU D 115 6.58 -12.76 23.28
CA LEU D 115 5.65 -11.65 23.13
C LEU D 115 4.49 -11.78 24.10
N THR D 116 3.96 -12.99 24.22
CA THR D 116 2.85 -13.30 25.12
C THR D 116 3.25 -13.13 26.60
N ALA D 117 4.43 -13.62 26.98
CA ALA D 117 4.94 -13.39 28.33
C ALA D 117 5.12 -11.89 28.64
N LEU D 118 5.61 -11.13 27.66
CA LEU D 118 5.77 -9.69 27.80
C LEU D 118 4.42 -9.00 27.92
N MET D 119 3.47 -9.41 27.09
CA MET D 119 2.12 -8.83 27.16
C MET D 119 1.56 -9.04 28.57
N ASN D 120 1.64 -10.29 29.07
CA ASN D 120 1.17 -10.62 30.41
C ASN D 120 1.91 -9.81 31.47
N ALA D 121 3.23 -9.67 31.33
CA ALA D 121 4.06 -8.93 32.27
C ALA D 121 3.61 -7.48 32.48
N LEU D 122 2.55 -7.09 31.79
CA LEU D 122 1.89 -5.82 32.08
C LEU D 122 0.36 -5.96 32.15
N ARG D 123 -0.10 -7.19 32.35
CA ARG D 123 -1.47 -7.51 32.79
C ARG D 123 -2.59 -6.85 31.98
N PRO E 10 -4.65 -21.76 15.60
CA PRO E 10 -5.74 -21.07 16.29
C PRO E 10 -6.84 -20.69 15.30
N HIS E 11 -6.48 -19.80 14.38
CA HIS E 11 -7.25 -19.47 13.18
C HIS E 11 -7.16 -20.61 12.15
N GLU E 12 -6.22 -21.52 12.39
CA GLU E 12 -5.95 -22.66 11.49
C GLU E 12 -7.04 -23.74 11.55
N ARG E 13 -7.96 -23.59 12.50
CA ARG E 13 -9.12 -24.47 12.65
C ARG E 13 -10.38 -23.85 12.04
N LEU E 14 -10.24 -22.63 11.51
CA LEU E 14 -11.33 -21.97 10.79
C LEU E 14 -11.36 -22.45 9.35
N ASP E 15 -12.58 -22.57 8.82
CA ASP E 15 -12.76 -23.00 7.44
C ASP E 15 -12.43 -21.90 6.45
N ALA E 16 -12.71 -20.65 6.80
CA ALA E 16 -12.41 -19.54 5.89
C ALA E 16 -10.91 -19.50 5.64
N TRP E 17 -10.13 -19.72 6.68
CA TRP E 17 -8.68 -19.81 6.56
C TRP E 17 -8.28 -21.01 5.70
N ARG E 18 -8.62 -22.22 6.13
CA ARG E 18 -8.34 -23.43 5.36
C ARG E 18 -8.67 -23.29 3.87
N ASP E 19 -9.87 -22.78 3.58
CA ASP E 19 -10.33 -22.63 2.20
C ASP E 19 -9.62 -21.46 1.49
N SER E 20 -9.30 -20.39 2.23
CA SER E 20 -8.46 -19.32 1.70
C SER E 20 -7.11 -19.83 1.24
N MET E 21 -6.50 -20.70 2.06
CA MET E 21 -5.18 -21.25 1.77
C MET E 21 -5.20 -22.06 0.47
N GLU E 22 -6.27 -22.83 0.25
CA GLU E 22 -6.40 -23.61 -0.98
C GLU E 22 -6.55 -22.70 -2.20
N LEU E 23 -7.34 -21.63 -2.04
CA LEU E 23 -7.46 -20.63 -3.11
C LEU E 23 -6.08 -20.05 -3.52
N VAL E 24 -5.26 -19.69 -2.53
CA VAL E 24 -3.89 -19.21 -2.79
C VAL E 24 -3.10 -20.16 -3.72
N GLU E 25 -3.11 -21.46 -3.39
CA GLU E 25 -2.44 -22.48 -4.21
C GLU E 25 -3.06 -22.51 -5.60
N MET E 26 -4.38 -22.41 -5.67
CA MET E 26 -5.10 -22.42 -6.93
C MET E 26 -4.72 -21.22 -7.81
N ILE E 27 -4.64 -20.04 -7.19
CA ILE E 27 -4.33 -18.79 -7.90
C ILE E 27 -2.89 -18.76 -8.38
N TYR E 28 -1.97 -19.27 -7.57
CA TYR E 28 -0.57 -19.39 -7.98
C TYR E 28 -0.39 -20.31 -9.18
N ARG E 29 -1.07 -21.48 -9.15
CA ARG E 29 -1.10 -22.42 -10.28
C ARG E 29 -1.76 -21.81 -11.52
N LEU E 30 -2.87 -21.10 -11.35
CA LEU E 30 -3.57 -20.51 -12.47
C LEU E 30 -2.67 -19.50 -13.18
N THR E 31 -1.93 -18.73 -12.40
CA THR E 31 -1.16 -17.64 -12.99
C THR E 31 0.20 -18.07 -13.48
N GLU E 32 0.63 -19.27 -13.08
CA GLU E 32 1.85 -19.88 -13.61
C GLU E 32 1.95 -19.84 -15.13
N VAL E 33 0.80 -19.92 -15.81
CA VAL E 33 0.75 -19.93 -17.29
C VAL E 33 0.37 -18.58 -17.93
N PHE E 34 0.14 -17.55 -17.11
CA PHE E 34 -0.10 -16.21 -17.63
C PHE E 34 1.11 -15.72 -18.46
N PRO E 35 0.89 -14.76 -19.39
CA PRO E 35 2.01 -14.24 -20.18
C PRO E 35 3.09 -13.61 -19.30
N ASP E 36 4.37 -13.91 -19.58
CA ASP E 36 5.51 -13.33 -18.84
C ASP E 36 5.38 -11.81 -18.74
N GLN E 37 4.80 -11.21 -19.76
CA GLN E 37 4.71 -9.74 -19.82
C GLN E 37 3.83 -9.18 -18.72
N GLU E 38 3.00 -10.04 -18.11
CA GLU E 38 2.16 -9.66 -16.98
C GLU E 38 2.69 -10.07 -15.61
N ARG E 39 3.96 -10.47 -15.52
CA ARG E 39 4.55 -10.99 -14.28
C ARG E 39 4.37 -10.12 -13.04
N TYR E 40 4.47 -8.80 -13.22
CA TYR E 40 4.59 -7.86 -12.12
C TYR E 40 3.51 -6.77 -11.84
N GLY E 41 2.45 -6.56 -12.63
CA GLY E 41 1.75 -7.50 -13.48
C GLY E 41 0.34 -7.80 -12.94
N LEU E 42 -0.51 -8.37 -13.80
CA LEU E 42 -1.78 -8.94 -13.39
C LEU E 42 -1.50 -10.15 -12.50
N THR E 43 -0.48 -10.91 -12.86
CA THR E 43 -0.07 -12.10 -12.12
C THR E 43 0.26 -11.81 -10.65
N ALA E 44 1.16 -10.85 -10.43
CA ALA E 44 1.55 -10.44 -9.08
C ALA E 44 0.39 -9.84 -8.23
N GLN E 45 -0.48 -9.06 -8.86
CA GLN E 45 -1.59 -8.39 -8.15
C GLN E 45 -2.62 -9.43 -7.72
N LEU E 46 -2.78 -10.46 -8.55
CA LEU E 46 -3.66 -11.58 -8.30
C LEU E 46 -3.12 -12.46 -7.17
N ARG E 47 -1.81 -12.72 -7.18
CA ARG E 47 -1.17 -13.52 -6.17
C ARG E 47 -1.14 -12.79 -4.83
N ARG E 48 -0.85 -11.51 -4.91
CA ARG E 48 -0.81 -10.63 -3.75
C ARG E 48 -2.19 -10.55 -3.06
N ALA E 49 -3.24 -10.45 -3.87
CA ALA E 49 -4.61 -10.43 -3.37
C ALA E 49 -4.98 -11.73 -2.65
N ALA E 50 -4.61 -12.87 -3.24
CA ALA E 50 -4.99 -14.15 -2.64
C ALA E 50 -4.25 -14.37 -1.33
N VAL E 51 -2.95 -14.12 -1.33
CA VAL E 51 -2.12 -14.24 -0.12
C VAL E 51 -2.73 -13.42 1.02
N SER E 52 -3.23 -12.24 0.70
CA SER E 52 -3.70 -11.31 1.72
C SER E 52 -4.92 -11.80 2.51
N ILE E 53 -5.73 -12.66 1.87
CA ILE E 53 -6.98 -13.14 2.42
C ILE E 53 -6.73 -13.98 3.68
N PRO E 54 -6.03 -15.13 3.57
CA PRO E 54 -5.69 -15.85 4.82
C PRO E 54 -4.80 -15.04 5.76
N SER E 55 -3.92 -14.20 5.20
CA SER E 55 -3.09 -13.32 6.04
C SER E 55 -3.92 -12.43 6.96
N ASN E 56 -4.90 -11.74 6.39
CA ASN E 56 -5.78 -10.88 7.17
C ASN E 56 -6.65 -11.66 8.15
N ILE E 57 -7.05 -12.87 7.78
CA ILE E 57 -7.83 -13.69 8.67
C ILE E 57 -6.95 -13.97 9.88
N ALA E 58 -5.74 -14.45 9.62
CA ALA E 58 -4.80 -14.80 10.67
C ALA E 58 -4.42 -13.60 11.54
N GLU E 59 -4.17 -12.45 10.90
CA GLU E 59 -3.82 -11.23 11.64
C GLU E 59 -4.97 -10.72 12.53
N GLY E 60 -6.18 -10.78 12.01
CA GLY E 60 -7.35 -10.37 12.77
C GLY E 60 -7.63 -11.28 13.94
N ALA E 61 -7.57 -12.60 13.70
CA ALA E 61 -7.84 -13.60 14.73
C ALA E 61 -6.84 -13.56 15.88
N ALA E 62 -5.60 -13.20 15.59
CA ALA E 62 -4.55 -13.12 16.61
C ALA E 62 -4.69 -11.85 17.44
N ARG E 63 -5.56 -10.94 16.98
CA ARG E 63 -5.89 -9.78 17.78
C ARG E 63 -6.93 -10.20 18.81
N ARG E 64 -6.66 -9.83 20.05
CA ARG E 64 -7.60 -9.96 21.17
C ARG E 64 -8.98 -9.37 20.86
N SER E 65 -8.99 -8.12 20.38
CA SER E 65 -10.23 -7.35 20.17
C SER E 65 -11.13 -7.85 19.04
N THR E 66 -12.44 -7.79 19.28
CA THR E 66 -13.45 -8.20 18.28
C THR E 66 -13.67 -7.12 17.20
N PRO E 67 -13.65 -5.82 17.60
CA PRO E 67 -13.67 -4.77 16.56
C PRO E 67 -12.61 -4.96 15.47
N ASP E 68 -11.39 -5.25 15.88
CA ASP E 68 -10.28 -5.41 14.94
C ASP E 68 -10.40 -6.69 14.11
N TYR E 69 -10.98 -7.73 14.68
CA TYR E 69 -11.23 -8.98 13.96
C TYR E 69 -12.18 -8.73 12.79
N SER E 70 -13.24 -7.96 13.04
CA SER E 70 -14.20 -7.61 12.00
C SER E 70 -13.59 -6.73 10.93
N ARG E 71 -12.69 -5.84 11.32
CA ARG E 71 -12.04 -4.94 10.37
C ARG E 71 -11.08 -5.69 9.43
N PHE E 72 -10.43 -6.73 9.94
CA PHE E 72 -9.54 -7.53 9.09
C PHE E 72 -10.30 -8.48 8.17
N LEU E 73 -11.41 -9.04 8.65
CA LEU E 73 -12.25 -9.89 7.82
C LEU E 73 -12.91 -9.13 6.68
N SER E 74 -13.11 -7.83 6.86
CA SER E 74 -13.68 -6.98 5.81
C SER E 74 -12.68 -6.62 4.73
N ILE E 75 -11.43 -6.40 5.12
CA ILE E 75 -10.34 -6.22 4.16
C ILE E 75 -10.16 -7.52 3.37
N ALA E 76 -10.12 -8.66 4.07
CA ALA E 76 -10.03 -9.98 3.44
C ALA E 76 -11.07 -10.17 2.34
N ARG E 77 -12.30 -9.72 2.61
CA ARG E 77 -13.40 -9.87 1.70
C ARG E 77 -13.28 -8.89 0.53
N GLY E 78 -12.75 -7.70 0.82
CA GLY E 78 -12.48 -6.72 -0.22
C GLY E 78 -11.55 -7.32 -1.26
N SER E 79 -10.42 -7.85 -0.79
CA SER E 79 -9.40 -8.45 -1.64
C SER E 79 -9.95 -9.64 -2.40
N LEU E 80 -10.86 -10.40 -1.76
CA LEU E 80 -11.52 -11.51 -2.42
C LEU E 80 -12.36 -11.04 -3.62
N SER E 81 -13.05 -9.90 -3.49
CA SER E 81 -13.82 -9.33 -4.60
C SER E 81 -12.88 -8.86 -5.69
N GLU E 82 -11.78 -8.23 -5.29
CA GLU E 82 -10.80 -7.70 -6.24
C GLU E 82 -10.12 -8.83 -7.02
N LEU E 83 -9.76 -9.89 -6.32
CA LEU E 83 -9.29 -11.10 -6.95
C LEU E 83 -10.35 -11.67 -7.92
N ASP E 84 -11.61 -11.77 -7.48
CA ASP E 84 -12.63 -12.37 -8.33
C ASP E 84 -12.80 -11.65 -9.66
N THR E 85 -12.86 -10.32 -9.62
CA THR E 85 -12.94 -9.56 -10.85
C THR E 85 -11.66 -9.69 -11.66
N GLN E 86 -10.53 -9.77 -10.98
CA GLN E 86 -9.25 -9.96 -11.66
C GLN E 86 -9.16 -11.29 -12.39
N VAL E 87 -9.73 -12.34 -11.78
CA VAL E 87 -9.81 -13.65 -12.43
C VAL E 87 -10.70 -13.60 -13.69
N GLN E 88 -11.83 -12.89 -13.62
CA GLN E 88 -12.73 -12.83 -14.79
C GLN E 88 -12.13 -11.98 -15.89
N ILE E 89 -11.36 -10.95 -15.53
CA ILE E 89 -10.68 -10.12 -16.54
C ILE E 89 -9.61 -10.95 -17.25
N ALA E 90 -8.93 -11.82 -16.49
CA ALA E 90 -7.94 -12.73 -17.05
C ALA E 90 -8.61 -13.72 -18.03
N ALA E 91 -9.81 -14.18 -17.69
CA ALA E 91 -10.60 -15.01 -18.58
C ALA E 91 -10.91 -14.28 -19.90
N ARG E 92 -11.43 -13.05 -19.81
CA ARG E 92 -11.80 -12.28 -21.01
C ARG E 92 -10.57 -11.94 -21.86
N LEU E 93 -9.42 -11.80 -21.24
CA LEU E 93 -8.17 -11.52 -21.96
C LEU E 93 -7.56 -12.78 -22.62
N GLY E 94 -8.08 -13.94 -22.27
CA GLY E 94 -7.65 -15.19 -22.89
C GLY E 94 -6.59 -15.95 -22.14
N TYR E 95 -6.30 -15.52 -20.90
CA TYR E 95 -5.14 -16.04 -20.17
C TYR E 95 -5.37 -17.36 -19.45
N SER E 96 -6.60 -17.88 -19.45
CA SER E 96 -6.89 -19.10 -18.69
C SER E 96 -7.80 -20.09 -19.41
N ARG E 97 -7.66 -21.36 -19.04
CA ARG E 97 -8.51 -22.41 -19.60
C ARG E 97 -9.81 -22.36 -18.84
N SER E 98 -10.90 -22.66 -19.55
CA SER E 98 -12.26 -22.59 -19.00
C SER E 98 -12.47 -23.46 -17.77
N GLU E 99 -11.92 -24.68 -17.82
CA GLU E 99 -12.06 -25.63 -16.72
C GLU E 99 -11.39 -25.05 -15.48
N ASP E 100 -10.20 -24.47 -15.67
CA ASP E 100 -9.41 -23.89 -14.59
C ASP E 100 -10.14 -22.69 -13.97
N ASP E 101 -10.68 -21.83 -14.83
CA ASP E 101 -11.50 -20.68 -14.42
C ASP E 101 -12.73 -21.07 -13.58
N GLN E 102 -13.40 -22.14 -13.96
CA GLN E 102 -14.54 -22.62 -13.19
C GLN E 102 -14.17 -23.05 -11.77
N SER E 103 -13.05 -23.76 -11.62
CA SER E 103 -12.65 -24.29 -10.31
C SER E 103 -12.42 -23.16 -9.32
N VAL E 104 -11.68 -22.13 -9.76
CA VAL E 104 -11.38 -20.97 -8.91
C VAL E 104 -12.66 -20.21 -8.56
N ARG E 105 -13.56 -20.05 -9.54
CA ARG E 105 -14.88 -19.44 -9.32
C ARG E 105 -15.67 -20.13 -8.23
N ARG E 106 -15.72 -21.47 -8.30
CA ARG E 106 -16.34 -22.27 -7.26
C ARG E 106 -15.64 -22.10 -5.90
N GLN E 107 -14.31 -21.94 -5.91
CA GLN E 107 -13.55 -21.78 -4.68
C GLN E 107 -13.76 -20.40 -4.07
N VAL E 108 -13.89 -19.39 -4.92
CA VAL E 108 -14.18 -18.03 -4.47
C VAL E 108 -15.53 -17.99 -3.77
N ASP E 109 -16.51 -18.65 -4.39
CA ASP E 109 -17.84 -18.79 -3.80
C ASP E 109 -17.72 -19.41 -2.39
N LEU E 110 -16.92 -20.47 -2.28
CA LEU E 110 -16.68 -21.14 -1.01
C LEU E 110 -16.10 -20.21 0.06
N VAL E 111 -14.98 -19.55 -0.24
CA VAL E 111 -14.35 -18.62 0.72
C VAL E 111 -15.29 -17.49 1.11
N PHE E 112 -16.05 -17.00 0.14
CA PHE E 112 -17.01 -15.93 0.38
C PHE E 112 -18.05 -16.34 1.43
N ALA E 113 -18.70 -17.49 1.24
CA ALA E 113 -19.70 -17.98 2.19
C ALA E 113 -19.12 -18.23 3.58
N LYS E 114 -17.91 -18.80 3.64
CA LYS E 114 -17.24 -19.02 4.92
C LYS E 114 -16.85 -17.72 5.61
N LEU E 115 -16.40 -16.74 4.82
CA LEU E 115 -16.05 -15.42 5.36
C LEU E 115 -17.25 -14.70 5.94
N THR E 116 -18.34 -14.70 5.16
CA THR E 116 -19.62 -14.11 5.55
C THR E 116 -20.19 -14.75 6.82
N ALA E 117 -19.97 -16.06 6.98
CA ALA E 117 -20.42 -16.77 8.17
C ALA E 117 -19.51 -16.49 9.38
N LEU E 118 -18.34 -15.92 9.13
CA LEU E 118 -17.50 -15.44 10.24
C LEU E 118 -17.85 -14.01 10.60
N MET E 119 -18.18 -13.20 9.61
CA MET E 119 -18.50 -11.79 9.84
C MET E 119 -19.89 -11.61 10.46
N ASN E 120 -20.55 -12.74 10.74
CA ASN E 120 -21.87 -12.77 11.34
C ASN E 120 -21.86 -13.09 12.83
N ALA E 121 -20.88 -13.88 13.26
CA ALA E 121 -20.68 -14.21 14.67
C ALA E 121 -20.40 -12.97 15.55
#